data_4W8G
#
_entry.id   4W8G
#
_cell.length_a   32.260
_cell.length_b   33.510
_cell.length_c   109.510
_cell.angle_alpha   90.00
_cell.angle_beta   90.00
_cell.angle_gamma   90.00
#
_symmetry.space_group_name_H-M   'P 21 21 21'
#
loop_
_entity.id
_entity.type
_entity.pdbx_description
1 polymer 'Toll-receptor-related 2'
2 water water
#
_entity_poly.entity_id   1
_entity_poly.type   'polypeptide(L)'
_entity_poly.pdbx_seq_one_letter_code
;MGKTYDVNICYAPEDREWVINTLVFKLERAGIKTFVNIRDDTPGNFFAENIMDAIENSNRTIVVMSPDFFKNNICDKTLQ
IGLSHQIIPILYRPCEVPYFLNHMTYLDWCDKDVRPVFWRNLFRDIRNNHHHHHH
;
_entity_poly.pdbx_strand_id   A
#
# COMPACT_ATOMS: atom_id res chain seq x y z
N THR A 4 -5.20 1.01 16.87
CA THR A 4 -4.69 0.19 15.78
C THR A 4 -5.16 0.68 14.41
N TYR A 5 -4.47 0.24 13.36
CA TYR A 5 -4.79 0.61 12.00
C TYR A 5 -5.48 -0.51 11.24
N ASP A 6 -6.38 -0.17 10.33
CA ASP A 6 -6.97 -1.16 9.43
C ASP A 6 -5.96 -1.55 8.34
N VAL A 7 -5.22 -0.57 7.84
CA VAL A 7 -4.30 -0.79 6.74
C VAL A 7 -3.06 0.07 6.87
N ASN A 8 -1.96 -0.52 6.42
CA ASN A 8 -0.69 0.18 6.18
C ASN A 8 -0.42 0.39 4.70
N ILE A 9 0.21 1.51 4.37
CA ILE A 9 0.51 1.85 2.98
C ILE A 9 2.01 1.83 2.70
N CYS A 10 2.40 0.98 1.76
CA CYS A 10 3.79 0.89 1.34
C CYS A 10 3.93 1.48 -0.06
N TYR A 11 4.75 2.51 -0.18
CA TYR A 11 4.78 3.30 -1.40
C TYR A 11 6.09 4.04 -1.53
N ALA A 12 6.45 4.37 -2.78
CA ALA A 12 7.63 5.16 -3.04
C ALA A 12 7.32 6.65 -2.86
N PRO A 13 8.29 7.43 -2.36
CA PRO A 13 8.08 8.87 -2.12
C PRO A 13 7.67 9.64 -3.36
N GLU A 14 8.11 9.17 -4.53
CA GLU A 14 7.78 9.83 -5.78
C GLU A 14 6.29 9.82 -6.08
N ASP A 15 5.59 8.86 -5.48
CA ASP A 15 4.15 8.71 -5.65
C ASP A 15 3.33 9.26 -4.50
N ARG A 16 3.96 10.03 -3.63
CA ARG A 16 3.34 10.47 -2.39
C ARG A 16 2.13 11.38 -2.61
N GLU A 17 2.14 12.17 -3.68
CA GLU A 17 1.05 13.09 -3.99
C GLU A 17 -0.28 12.33 -4.10
N TRP A 18 -0.27 11.32 -4.95
CA TRP A 18 -1.45 10.50 -5.20
C TRP A 18 -1.84 9.68 -3.98
N VAL A 19 -0.82 9.13 -3.31
CA VAL A 19 -1.04 8.27 -2.15
C VAL A 19 -1.76 9.01 -1.06
N ILE A 20 -1.33 10.23 -0.75
CA ILE A 20 -1.91 10.96 0.37
C ILE A 20 -3.23 11.61 -0.03
N ASN A 21 -3.23 12.29 -1.18
CA ASN A 21 -4.38 13.10 -1.55
C ASN A 21 -5.52 12.32 -2.17
N THR A 22 -5.21 11.14 -2.72
CA THR A 22 -6.24 10.32 -3.33
C THR A 22 -6.51 9.05 -2.53
N LEU A 23 -5.50 8.19 -2.38
CA LEU A 23 -5.68 6.90 -1.74
C LEU A 23 -6.05 7.02 -0.25
N VAL A 24 -5.22 7.72 0.50
CA VAL A 24 -5.46 7.88 1.93
C VAL A 24 -6.74 8.66 2.12
N PHE A 25 -6.89 9.70 1.30
CA PHE A 25 -8.10 10.51 1.36
C PHE A 25 -9.40 9.70 1.24
N LYS A 26 -9.43 8.83 0.23
CA LYS A 26 -10.63 8.05 -0.03
C LYS A 26 -10.84 7.00 1.06
N LEU A 27 -9.75 6.38 1.51
CA LEU A 27 -9.81 5.39 2.58
C LEU A 27 -10.38 5.98 3.87
N GLU A 28 -9.87 7.14 4.24
CA GLU A 28 -10.27 7.81 5.46
C GLU A 28 -11.72 8.26 5.37
N ARG A 29 -12.13 8.71 4.19
CA ARG A 29 -13.51 9.09 3.97
C ARG A 29 -14.38 7.87 4.21
N ALA A 30 -13.85 6.70 3.88
CA ALA A 30 -14.60 5.45 4.01
C ALA A 30 -14.54 4.94 5.44
N GLY A 31 -13.92 5.70 6.34
CA GLY A 31 -13.80 5.29 7.73
C GLY A 31 -12.72 4.25 7.97
N ILE A 32 -11.82 4.08 7.01
CA ILE A 32 -10.75 3.10 7.13
C ILE A 32 -9.52 3.78 7.73
N LYS A 33 -8.99 3.18 8.81
CA LYS A 33 -7.89 3.78 9.54
C LYS A 33 -6.59 3.39 8.89
N THR A 34 -5.85 4.41 8.47
CA THR A 34 -4.71 4.23 7.60
C THR A 34 -3.41 4.68 8.23
N PHE A 35 -2.41 3.81 8.12
CA PHE A 35 -1.04 4.16 8.47
C PHE A 35 -0.28 4.69 7.27
N VAL A 36 0.26 5.89 7.43
CA VAL A 36 1.06 6.52 6.39
C VAL A 36 2.29 7.07 7.08
N ASN A 37 3.46 6.68 6.59
CA ASN A 37 4.71 6.94 7.30
C ASN A 37 4.96 8.39 7.71
N ILE A 38 4.69 9.35 6.83
CA ILE A 38 5.04 10.75 7.08
C ILE A 38 4.22 11.38 8.18
N ARG A 39 3.12 10.72 8.55
CA ARG A 39 2.32 11.14 9.70
C ARG A 39 2.52 10.28 10.94
N ASP A 40 2.45 8.98 10.73
CA ASP A 40 2.25 8.02 11.81
C ASP A 40 3.56 7.39 12.30
N ASP A 41 4.65 7.58 11.57
CA ASP A 41 5.93 7.03 12.00
C ASP A 41 6.34 7.71 13.29
N THR A 42 7.07 6.95 14.10
CA THR A 42 7.62 7.49 15.33
C THR A 42 9.04 8.02 15.07
N PRO A 43 9.25 9.34 15.26
CA PRO A 43 10.61 9.87 15.14
C PRO A 43 11.56 9.42 16.25
N GLY A 44 12.79 9.09 15.82
CA GLY A 44 13.82 8.58 16.70
C GLY A 44 13.82 7.07 16.85
N ASN A 45 12.79 6.43 16.32
CA ASN A 45 12.81 4.98 16.14
C ASN A 45 13.55 4.66 14.85
N PHE A 46 14.11 3.46 14.77
CA PHE A 46 14.72 3.01 13.52
C PHE A 46 13.65 2.72 12.47
N PHE A 47 14.05 2.84 11.20
CA PHE A 47 13.15 2.56 10.08
C PHE A 47 12.46 1.21 10.17
N ALA A 48 13.25 0.18 10.46
CA ALA A 48 12.73 -1.17 10.52
C ALA A 48 11.73 -1.33 11.64
N GLU A 49 11.95 -0.59 12.72
CA GLU A 49 11.01 -0.60 13.82
C GLU A 49 9.66 0.00 13.46
N ASN A 50 9.66 1.13 12.77
CA ASN A 50 8.40 1.74 12.34
C ASN A 50 7.66 0.95 11.28
N ILE A 51 8.41 0.36 10.36
CA ILE A 51 7.86 -0.54 9.37
C ILE A 51 7.13 -1.71 10.02
N MET A 52 7.82 -2.39 10.92
CA MET A 52 7.27 -3.60 11.52
C MET A 52 6.08 -3.27 12.41
N ASP A 53 6.19 -2.16 13.14
CA ASP A 53 5.08 -1.62 13.91
C ASP A 53 3.83 -1.49 13.05
N ALA A 54 4.01 -0.87 11.89
CA ALA A 54 2.91 -0.58 10.97
C ALA A 54 2.26 -1.86 10.49
N ILE A 55 3.07 -2.84 10.09
CA ILE A 55 2.57 -4.09 9.53
C ILE A 55 1.86 -4.87 10.63
N GLU A 56 2.52 -5.00 11.77
CA GLU A 56 2.03 -5.87 12.83
C GLU A 56 0.82 -5.25 13.52
N ASN A 57 0.67 -3.93 13.42
CA ASN A 57 -0.49 -3.23 13.99
C ASN A 57 -1.49 -2.96 12.87
N SER A 58 -1.32 -3.64 11.73
CA SER A 58 -2.27 -3.53 10.64
C SER A 58 -2.76 -4.86 10.09
N ASN A 59 -4.05 -4.85 9.76
CA ASN A 59 -4.77 -6.00 9.24
C ASN A 59 -4.29 -6.29 7.83
N ARG A 60 -4.03 -5.26 7.03
CA ARG A 60 -3.57 -5.51 5.68
C ARG A 60 -2.53 -4.47 5.29
N THR A 61 -1.71 -4.81 4.30
CA THR A 61 -0.72 -3.87 3.79
C THR A 61 -1.04 -3.55 2.33
N ILE A 62 -1.31 -2.29 2.01
CA ILE A 62 -1.41 -1.85 0.62
C ILE A 62 -0.04 -1.59 -0.01
N VAL A 63 0.25 -2.16 -1.17
CA VAL A 63 1.50 -1.83 -1.86
C VAL A 63 1.23 -1.11 -3.19
N VAL A 64 1.81 0.08 -3.31
CA VAL A 64 1.52 0.98 -4.43
C VAL A 64 2.59 0.80 -5.48
N MET A 65 2.32 -0.09 -6.43
CA MET A 65 3.31 -0.47 -7.41
C MET A 65 3.51 0.56 -8.51
N SER A 66 4.78 0.75 -8.85
CA SER A 66 5.19 1.70 -9.86
C SER A 66 6.65 1.37 -10.14
N PRO A 67 7.22 1.97 -11.18
CA PRO A 67 8.65 1.76 -11.45
C PRO A 67 9.56 2.20 -10.30
N ASP A 68 9.20 3.28 -9.63
CA ASP A 68 10.02 3.80 -8.53
C ASP A 68 9.94 2.94 -7.29
N PHE A 69 8.77 2.33 -7.08
CA PHE A 69 8.59 1.38 -6.00
C PHE A 69 9.65 0.29 -6.05
N PHE A 70 9.80 -0.27 -7.25
CA PHE A 70 10.66 -1.42 -7.47
C PHE A 70 12.15 -1.08 -7.52
N LYS A 71 12.47 0.21 -7.41
CA LYS A 71 13.86 0.63 -7.27
C LYS A 71 14.13 1.12 -5.86
N ASN A 72 13.14 1.00 -4.98
CA ASN A 72 13.26 1.59 -3.65
C ASN A 72 13.51 0.45 -2.68
N ASN A 73 14.64 0.55 -1.98
CA ASN A 73 15.13 -0.49 -1.08
C ASN A 73 14.22 -0.77 0.10
N ILE A 74 13.76 0.31 0.72
CA ILE A 74 12.89 0.26 1.88
C ILE A 74 11.54 -0.38 1.53
N CYS A 75 11.01 0.01 0.37
CA CYS A 75 9.77 -0.55 -0.16
C CYS A 75 9.85 -2.07 -0.34
N ASP A 76 10.94 -2.53 -0.96
CA ASP A 76 11.17 -3.95 -1.21
C ASP A 76 11.20 -4.80 0.06
N LYS A 77 11.88 -4.29 1.09
CA LYS A 77 12.05 -5.00 2.35
C LYS A 77 10.72 -5.21 3.07
N THR A 78 9.88 -4.18 2.98
CA THR A 78 8.55 -4.15 3.58
C THR A 78 7.62 -5.18 2.94
N LEU A 79 7.70 -5.26 1.62
CA LEU A 79 6.90 -6.21 0.84
C LEU A 79 7.14 -7.65 1.24
N GLN A 80 8.41 -8.01 1.39
CA GLN A 80 8.82 -9.36 1.73
C GLN A 80 8.18 -9.81 3.03
N ILE A 81 8.14 -8.90 3.99
CA ILE A 81 7.51 -9.19 5.27
C ILE A 81 5.98 -9.23 5.13
N GLY A 82 5.45 -8.34 4.30
CA GLY A 82 4.02 -8.30 4.01
C GLY A 82 3.48 -9.57 3.38
N LEU A 83 4.32 -10.27 2.62
CA LEU A 83 3.96 -11.55 2.01
C LEU A 83 3.65 -12.65 3.01
N SER A 84 4.13 -12.48 4.24
CA SER A 84 3.82 -13.44 5.31
C SER A 84 2.50 -13.09 6.00
N HIS A 85 1.84 -12.04 5.51
CA HIS A 85 0.53 -11.65 6.00
C HIS A 85 -0.34 -11.48 4.75
N GLN A 86 -1.12 -10.41 4.70
CA GLN A 86 -1.96 -10.15 3.52
C GLN A 86 -1.61 -8.81 2.93
N ILE A 87 -1.49 -8.77 1.61
CA ILE A 87 -1.19 -7.52 0.95
C ILE A 87 -2.28 -7.27 -0.08
N ILE A 88 -2.46 -5.99 -0.38
CA ILE A 88 -3.32 -5.55 -1.45
C ILE A 88 -2.50 -4.77 -2.49
N PRO A 89 -2.07 -5.45 -3.56
CA PRO A 89 -1.30 -4.69 -4.54
C PRO A 89 -2.16 -3.84 -5.43
N ILE A 90 -1.73 -2.59 -5.56
CA ILE A 90 -2.32 -1.63 -6.48
C ILE A 90 -1.33 -1.30 -7.58
N LEU A 91 -1.75 -1.46 -8.82
CA LEU A 91 -0.96 -0.97 -9.92
C LEU A 91 -1.29 0.49 -10.18
N TYR A 92 -0.42 1.36 -9.67
CA TYR A 92 -0.65 2.80 -9.77
C TYR A 92 -0.09 3.27 -11.10
N ARG A 93 1.14 2.86 -11.42
CA ARG A 93 1.70 3.17 -12.74
C ARG A 93 2.23 1.89 -13.39
N PRO A 94 2.08 1.79 -14.71
CA PRO A 94 2.61 0.61 -15.39
C PRO A 94 4.09 0.43 -15.15
N CYS A 95 4.50 -0.82 -14.98
CA CYS A 95 5.87 -1.12 -14.66
C CYS A 95 6.15 -2.59 -14.89
N GLU A 96 7.41 -2.94 -14.79
CA GLU A 96 7.78 -4.35 -14.81
C GLU A 96 7.53 -4.91 -13.43
N VAL A 97 6.50 -5.74 -13.31
CA VAL A 97 6.22 -6.32 -12.01
C VAL A 97 7.15 -7.52 -11.80
N PRO A 98 7.87 -7.55 -10.67
CA PRO A 98 8.76 -8.68 -10.39
C PRO A 98 8.01 -9.99 -10.29
N TYR A 99 8.73 -11.09 -10.48
CA TYR A 99 8.11 -12.41 -10.57
C TYR A 99 7.23 -12.68 -9.35
N PHE A 100 7.71 -12.25 -8.18
CA PHE A 100 7.02 -12.59 -6.95
C PHE A 100 5.73 -11.81 -6.67
N LEU A 101 5.42 -10.77 -7.45
CA LEU A 101 4.09 -10.14 -7.38
C LEU A 101 3.40 -10.43 -8.70
N ASN A 102 4.09 -11.20 -9.55
CA ASN A 102 3.66 -11.39 -10.92
C ASN A 102 2.61 -12.47 -11.04
N HIS A 103 2.28 -13.07 -9.90
CA HIS A 103 1.28 -14.11 -9.86
C HIS A 103 0.29 -13.78 -8.77
N MET A 104 0.24 -12.50 -8.41
CA MET A 104 -0.68 -12.03 -7.41
C MET A 104 -1.67 -11.08 -8.05
N THR A 105 -2.95 -11.32 -7.80
CA THR A 105 -3.98 -10.49 -8.39
C THR A 105 -3.85 -9.09 -7.82
N TYR A 106 -3.93 -8.09 -8.69
CA TYR A 106 -3.83 -6.69 -8.25
C TYR A 106 -4.97 -5.84 -8.76
N LEU A 107 -5.11 -4.67 -8.13
CA LEU A 107 -6.01 -3.63 -8.59
C LEU A 107 -5.38 -2.67 -9.59
N ASP A 108 -5.95 -2.60 -10.79
CA ASP A 108 -5.30 -1.87 -11.88
C ASP A 108 -5.98 -0.51 -11.96
N TRP A 109 -5.34 0.48 -11.34
CA TRP A 109 -5.88 1.83 -11.33
C TRP A 109 -5.78 2.48 -12.72
N CYS A 110 -4.84 2.00 -13.52
CA CYS A 110 -4.64 2.53 -14.87
C CYS A 110 -5.75 2.06 -15.79
N ASP A 111 -6.42 0.98 -15.38
CA ASP A 111 -7.53 0.42 -16.17
C ASP A 111 -8.86 1.14 -15.93
N LYS A 112 -9.18 2.10 -16.80
CA LYS A 112 -10.30 3.01 -16.57
C LYS A 112 -11.56 2.18 -16.54
N ASP A 113 -11.58 1.16 -17.39
CA ASP A 113 -12.74 0.33 -17.56
C ASP A 113 -12.99 -0.42 -16.26
N VAL A 114 -11.95 -0.62 -15.45
CA VAL A 114 -12.16 -1.27 -14.16
C VAL A 114 -12.15 -0.27 -12.99
N ARG A 115 -12.11 1.02 -13.31
CA ARG A 115 -12.22 2.02 -12.26
C ARG A 115 -13.50 2.06 -11.42
N PRO A 116 -14.66 1.78 -12.05
CA PRO A 116 -15.91 1.75 -11.28
C PRO A 116 -16.00 0.77 -10.13
N VAL A 117 -15.14 -0.23 -10.14
CA VAL A 117 -15.11 -1.22 -9.09
C VAL A 117 -13.82 -1.17 -8.27
N PHE A 118 -12.93 -0.26 -8.62
CA PHE A 118 -11.66 -0.17 -7.92
C PHE A 118 -11.83 0.02 -6.41
N TRP A 119 -12.55 1.08 -6.03
CA TRP A 119 -12.67 1.46 -4.64
C TRP A 119 -13.52 0.46 -3.88
N ARG A 120 -14.61 0.06 -4.52
CA ARG A 120 -15.51 -0.95 -4.00
C ARG A 120 -14.72 -2.20 -3.58
N ASN A 121 -13.88 -2.70 -4.49
CA ASN A 121 -13.10 -3.93 -4.26
C ASN A 121 -12.06 -3.75 -3.18
N LEU A 122 -11.38 -2.61 -3.22
CA LEU A 122 -10.39 -2.29 -2.21
C LEU A 122 -11.03 -2.28 -0.82
N PHE A 123 -12.10 -1.52 -0.69
CA PHE A 123 -12.75 -1.35 0.60
C PHE A 123 -13.41 -2.63 1.09
N ARG A 124 -13.98 -3.38 0.14
CA ARG A 124 -14.61 -4.65 0.43
C ARG A 124 -13.60 -5.65 0.95
N ASP A 125 -12.41 -5.65 0.35
CA ASP A 125 -11.37 -6.58 0.76
C ASP A 125 -10.88 -6.24 2.15
N ILE A 126 -10.68 -4.96 2.42
CA ILE A 126 -10.19 -4.61 3.74
C ILE A 126 -11.22 -5.01 4.81
N ARG A 127 -12.51 -4.73 4.56
CA ARG A 127 -13.52 -5.05 5.58
C ARG A 127 -13.99 -6.51 5.58
N ASN A 128 -13.70 -7.24 4.50
CA ASN A 128 -14.16 -8.61 4.31
C ASN A 128 -15.69 -8.69 4.38
#